data_4FQL
#
_entry.id   4FQL
#
_cell.length_a   136.200
_cell.length_b   55.000
_cell.length_c   80.800
_cell.angle_alpha   90.00
_cell.angle_beta   121.20
_cell.angle_gamma   90.00
#
_symmetry.space_group_name_H-M   'C 1 2 1'
#
loop_
_entity.id
_entity.type
_entity.pdbx_description
1 polymer 'monoclonal antibody CR8033 heavy chain'
2 polymer 'monoclonal antibody CR8033 light chain'
3 water water
#
loop_
_entity_poly.entity_id
_entity_poly.type
_entity_poly.pdbx_seq_one_letter_code
_entity_poly.pdbx_strand_id
1 'polypeptide(L)'
;EVQLVESGGGLVQPGRSLRLSCAASGFSFDEYTMHWVRQAPGKGLEWVAGINWKGNFMGYADSVQGRFTISRDNGKNSLY
LQMNSLRAEDTALYYCAKDRLESSAMDILEGGTFDIWGQGTMVTVSSASTKGPSVFPLAPSSKSTSGGTAALGCLVKDYF
PEPVTVSWNSGALTSGVHTFPAVLQSSGLYSLSSVVTVPSSSLGTQTYICNVNHKPSNTKVDKRVEPKSCHHHHHH
;
H
2 'polypeptide(L)'
;EIVLTQSPGTLSLSPGERATLSCRASQSVSSSYLAWYQQKPGQAPRLLIYGASTRATGIPARFSGSGSGTDFTLTISRLE
PEDLAVYYCQQYGSSPWTFGQGTKVEIKRTVAAPSVFIFPPSDEQLKSGTASVVCLLNNFYPREAKVQWKVDNALQSGNS
QESVTEQDSKDSTYSLSSTLTLSKADYEKHKVYACEVTHQGLSSPVTKSFNRGEC
;
L
#
# COMPACT_ATOMS: atom_id res chain seq x y z
N GLU A 1 -4.91 -26.57 -8.76
CA GLU A 1 -5.05 -25.13 -8.53
C GLU A 1 -3.90 -24.40 -9.20
N VAL A 2 -4.20 -23.24 -9.78
CA VAL A 2 -3.19 -22.47 -10.51
C VAL A 2 -2.31 -21.67 -9.56
N GLN A 3 -0.99 -21.80 -9.71
CA GLN A 3 -0.06 -21.04 -8.88
C GLN A 3 1.00 -20.39 -9.77
N LEU A 4 1.32 -19.14 -9.47
CA LEU A 4 2.53 -18.50 -9.95
C LEU A 4 3.23 -17.98 -8.71
N VAL A 5 4.48 -18.38 -8.52
CA VAL A 5 5.21 -17.98 -7.32
C VAL A 5 6.54 -17.31 -7.68
N GLU A 6 6.63 -16.01 -7.44
CA GLU A 6 7.86 -15.27 -7.75
C GLU A 6 8.87 -15.34 -6.60
N SER A 7 10.15 -15.23 -6.93
CA SER A 7 11.19 -15.12 -5.91
C SER A 7 12.39 -14.40 -6.49
N GLY A 8 13.33 -14.06 -5.63
CA GLY A 8 14.60 -13.51 -6.10
C GLY A 8 14.74 -12.03 -5.83
N GLY A 9 13.67 -11.41 -5.35
CA GLY A 9 13.70 -10.00 -5.02
C GLY A 9 14.48 -9.72 -3.76
N GLY A 10 14.88 -8.47 -3.58
CA GLY A 10 15.68 -8.09 -2.44
C GLY A 10 16.16 -6.66 -2.54
N LEU A 11 17.10 -6.30 -1.65
CA LEU A 11 17.71 -4.99 -1.66
C LEU A 11 19.04 -5.04 -2.38
N VAL A 12 19.24 -4.15 -3.34
CA VAL A 12 20.50 -4.13 -4.06
C VAL A 12 20.95 -2.70 -4.32
N GLN A 13 22.25 -2.51 -4.40
CA GLN A 13 22.83 -1.21 -4.71
C GLN A 13 22.63 -0.88 -6.18
N PRO A 14 22.51 0.42 -6.50
CA PRO A 14 22.41 0.81 -7.92
C PRO A 14 23.63 0.32 -8.70
N GLY A 15 23.40 -0.18 -9.91
CA GLY A 15 24.48 -0.68 -10.74
C GLY A 15 24.62 -2.19 -10.66
N ARG A 16 24.06 -2.79 -9.61
CA ARG A 16 24.16 -4.22 -9.42
C ARG A 16 23.05 -5.01 -10.14
N SER A 17 23.05 -6.32 -9.94
CA SER A 17 22.14 -7.22 -10.65
C SER A 17 21.26 -8.05 -9.72
N LEU A 18 20.10 -8.43 -10.22
CA LEU A 18 19.23 -9.41 -9.56
C LEU A 18 18.63 -10.33 -10.61
N ARG A 19 18.32 -11.56 -10.21
CA ARG A 19 17.60 -12.48 -11.08
C ARG A 19 16.30 -12.91 -10.41
N LEU A 20 15.18 -12.58 -11.04
CA LEU A 20 13.87 -13.01 -10.54
C LEU A 20 13.49 -14.30 -11.22
N SER A 21 12.74 -15.15 -10.52
CA SER A 21 12.17 -16.32 -11.12
C SER A 21 10.70 -16.38 -10.75
N CYS A 22 9.92 -17.01 -11.62
CA CYS A 22 8.52 -17.25 -11.34
C CYS A 22 8.31 -18.71 -11.68
N ALA A 23 7.83 -19.47 -10.70
CA ALA A 23 7.57 -20.89 -10.91
C ALA A 23 6.07 -21.10 -11.02
N ALA A 24 5.64 -21.81 -12.06
CA ALA A 24 4.23 -21.99 -12.34
C ALA A 24 3.78 -23.43 -12.15
N SER A 25 2.52 -23.60 -11.73
CA SER A 25 1.88 -24.91 -11.73
C SER A 25 0.35 -24.81 -11.88
N GLY A 26 -0.26 -25.92 -12.28
CA GLY A 26 -1.71 -25.99 -12.31
C GLY A 26 -2.32 -25.58 -13.62
N PHE A 27 -1.47 -25.28 -14.60
CA PHE A 27 -1.93 -24.96 -15.95
C PHE A 27 -0.82 -25.24 -16.95
N SER A 28 -1.17 -25.27 -18.23
CA SER A 28 -0.20 -25.59 -19.28
C SER A 28 0.65 -24.36 -19.58
N PHE A 29 1.66 -24.14 -18.75
CA PHE A 29 2.54 -22.97 -18.81
C PHE A 29 3.15 -22.83 -20.20
N ASP A 30 3.54 -23.95 -20.80
CA ASP A 30 4.24 -23.89 -22.09
C ASP A 30 3.30 -23.57 -23.24
N GLU A 31 2.06 -23.21 -22.92
CA GLU A 31 1.12 -22.81 -23.97
C GLU A 31 0.76 -21.32 -23.93
N TYR A 32 1.39 -20.56 -23.03
CA TYR A 32 1.00 -19.17 -22.87
C TYR A 32 2.16 -18.18 -22.95
N THR A 33 1.88 -17.02 -23.52
CA THR A 33 2.72 -15.84 -23.34
C THR A 33 2.77 -15.48 -21.87
N MET A 34 3.96 -15.24 -21.35
CA MET A 34 4.13 -14.86 -19.94
C MET A 34 4.79 -13.50 -19.85
N HIS A 35 4.49 -12.79 -18.76
CA HIS A 35 4.92 -11.41 -18.60
C HIS A 35 5.42 -11.13 -17.20
N TRP A 36 6.25 -10.09 -17.11
CA TRP A 36 6.52 -9.42 -15.86
C TRP A 36 5.89 -8.03 -15.89
N VAL A 37 5.22 -7.67 -14.79
CA VAL A 37 4.58 -6.36 -14.63
C VAL A 37 5.00 -5.85 -13.27
N ARG A 38 5.42 -4.59 -13.18
CA ARG A 38 5.91 -4.04 -11.91
C ARG A 38 4.99 -2.95 -11.39
N GLN A 39 5.07 -2.72 -10.08
CA GLN A 39 4.26 -1.70 -9.42
C GLN A 39 5.11 -1.02 -8.36
N ALA A 40 5.51 0.21 -8.64
CA ALA A 40 6.26 1.00 -7.67
C ALA A 40 5.37 1.30 -6.44
N PRO A 41 5.98 1.35 -5.25
CA PRO A 41 5.22 1.62 -4.03
C PRO A 41 4.31 2.84 -4.16
N GLY A 42 3.03 2.67 -3.87
CA GLY A 42 2.05 3.74 -3.98
C GLY A 42 1.61 4.10 -5.40
N LYS A 43 2.11 3.38 -6.40
CA LYS A 43 1.87 3.79 -7.79
C LYS A 43 1.06 2.76 -8.57
N GLY A 44 0.95 2.98 -9.87
CA GLY A 44 0.17 2.10 -10.71
C GLY A 44 1.04 1.02 -11.35
N LEU A 45 0.49 0.38 -12.38
CA LEU A 45 1.12 -0.80 -12.95
C LEU A 45 1.83 -0.45 -14.23
N GLU A 46 2.92 -1.15 -14.49
CA GLU A 46 3.71 -0.93 -15.69
C GLU A 46 4.22 -2.25 -16.24
N TRP A 47 3.84 -2.55 -17.48
CA TRP A 47 4.33 -3.77 -18.15
C TRP A 47 5.85 -3.69 -18.29
N VAL A 48 6.55 -4.78 -17.99
CA VAL A 48 8.00 -4.73 -18.05
C VAL A 48 8.55 -5.49 -19.25
N ALA A 49 8.08 -6.73 -19.42
CA ALA A 49 8.57 -7.59 -20.50
C ALA A 49 7.63 -8.74 -20.73
N GLY A 50 7.65 -9.29 -21.93
CA GLY A 50 6.81 -10.42 -22.27
C GLY A 50 7.54 -11.40 -23.17
N ILE A 51 7.10 -12.65 -23.19
CA ILE A 51 7.79 -13.65 -23.97
C ILE A 51 6.75 -14.68 -24.38
N ASN A 52 6.78 -15.05 -25.67
CA ASN A 52 5.81 -15.99 -26.20
C ASN A 52 6.06 -17.41 -25.71
N TRP A 53 5.11 -18.31 -25.99
CA TRP A 53 5.13 -19.66 -25.44
C TRP A 53 6.42 -20.41 -25.72
N LYS A 54 6.91 -20.29 -26.96
CA LYS A 54 8.11 -20.97 -27.42
C LYS A 54 9.41 -20.29 -26.96
N GLY A 55 9.30 -19.04 -26.52
CA GLY A 55 10.46 -18.32 -26.01
C GLY A 55 11.35 -17.72 -27.10
N ASN A 56 10.81 -17.58 -28.31
CA ASN A 56 11.59 -17.04 -29.43
C ASN A 56 11.21 -15.63 -29.86
N PHE A 57 10.13 -15.11 -29.28
CA PHE A 57 9.75 -13.71 -29.46
C PHE A 57 9.56 -13.02 -28.11
N MET A 58 10.23 -11.88 -27.94
CA MET A 58 10.19 -11.18 -26.66
C MET A 58 10.11 -9.68 -26.89
N GLY A 59 9.64 -8.98 -25.88
CA GLY A 59 9.55 -7.53 -25.94
C GLY A 59 9.76 -6.94 -24.56
N TYR A 60 10.19 -5.68 -24.53
CA TYR A 60 10.55 -5.03 -23.29
C TYR A 60 10.03 -3.61 -23.26
N ALA A 61 9.74 -3.12 -22.07
CA ALA A 61 9.46 -1.70 -21.87
C ALA A 61 10.71 -0.90 -22.23
N ASP A 62 10.51 0.30 -22.75
CA ASP A 62 11.64 1.17 -23.11
C ASP A 62 12.63 1.36 -21.97
N SER A 63 12.10 1.53 -20.77
CA SER A 63 12.91 1.87 -19.61
C SER A 63 13.87 0.78 -19.14
N VAL A 64 13.70 -0.44 -19.64
CA VAL A 64 14.55 -1.54 -19.20
C VAL A 64 15.32 -2.18 -20.36
N GLN A 65 15.15 -1.62 -21.56
CA GLN A 65 15.84 -2.10 -22.76
C GLN A 65 17.35 -2.10 -22.50
N GLY A 66 18.03 -3.16 -22.94
CA GLY A 66 19.48 -3.26 -22.79
C GLY A 66 19.94 -3.66 -21.40
N ARG A 67 19.00 -3.69 -20.45
CA ARG A 67 19.34 -3.96 -19.05
C ARG A 67 18.68 -5.24 -18.55
N PHE A 68 17.45 -5.48 -18.97
CA PHE A 68 16.69 -6.65 -18.47
C PHE A 68 16.58 -7.69 -19.56
N THR A 69 16.52 -8.95 -19.16
CA THR A 69 16.31 -10.07 -20.08
C THR A 69 15.26 -11.02 -19.54
N ILE A 70 14.22 -11.22 -20.34
CA ILE A 70 13.20 -12.21 -20.01
C ILE A 70 13.51 -13.53 -20.72
N SER A 71 13.27 -14.64 -20.02
CA SER A 71 13.48 -15.95 -20.61
C SER A 71 12.57 -16.94 -19.90
N ARG A 72 12.39 -18.12 -20.49
CA ARG A 72 11.56 -19.15 -19.87
C ARG A 72 12.19 -20.52 -20.02
N ASP A 73 11.87 -21.40 -19.10
CA ASP A 73 12.26 -22.81 -19.17
C ASP A 73 10.96 -23.60 -19.14
N ASN A 74 10.53 -24.07 -20.31
CA ASN A 74 9.25 -24.75 -20.39
C ASN A 74 9.28 -26.10 -19.69
N GLY A 75 10.45 -26.72 -19.64
CA GLY A 75 10.60 -27.99 -18.93
C GLY A 75 10.40 -27.85 -17.43
N LYS A 76 10.80 -26.70 -16.89
CA LYS A 76 10.67 -26.43 -15.47
C LYS A 76 9.47 -25.54 -15.18
N ASN A 77 8.66 -25.26 -16.20
CA ASN A 77 7.52 -24.37 -16.07
C ASN A 77 7.89 -23.09 -15.33
N SER A 78 9.02 -22.49 -15.70
CA SER A 78 9.55 -21.32 -15.00
C SER A 78 9.83 -20.13 -15.93
N LEU A 79 9.66 -18.92 -15.38
CA LEU A 79 9.94 -17.68 -16.09
C LEU A 79 11.00 -16.93 -15.29
N TYR A 80 11.91 -16.25 -15.98
CA TYR A 80 12.98 -15.50 -15.33
C TYR A 80 13.08 -14.06 -15.80
N LEU A 81 13.66 -13.22 -14.95
CA LEU A 81 13.99 -11.89 -15.37
C LEU A 81 15.39 -11.58 -14.84
N GLN A 82 16.36 -11.47 -15.75
CA GLN A 82 17.69 -11.05 -15.37
C GLN A 82 17.70 -9.52 -15.38
N MET A 83 18.04 -8.90 -14.26
CA MET A 83 18.00 -7.44 -14.17
C MET A 83 19.39 -6.91 -13.88
N ASN A 84 20.05 -6.36 -14.90
CA ASN A 84 21.39 -5.78 -14.74
C ASN A 84 21.32 -4.27 -14.60
N SER A 85 22.38 -3.67 -14.07
CA SER A 85 22.52 -2.22 -14.01
C SER A 85 21.29 -1.55 -13.42
N LEU A 86 20.86 -2.09 -12.28
CA LEU A 86 19.66 -1.61 -11.62
C LEU A 86 19.76 -0.14 -11.21
N ARG A 87 18.63 0.56 -11.30
CA ARG A 87 18.56 1.97 -10.94
C ARG A 87 17.52 2.14 -9.84
N ALA A 88 17.60 3.23 -9.08
CA ALA A 88 16.62 3.51 -8.02
C ALA A 88 15.19 3.43 -8.55
N GLU A 89 14.98 3.88 -9.77
CA GLU A 89 13.66 3.90 -10.39
C GLU A 89 13.12 2.50 -10.74
N ASP A 90 13.94 1.48 -10.60
CA ASP A 90 13.48 0.10 -10.84
C ASP A 90 12.84 -0.49 -9.60
N THR A 91 12.90 0.26 -8.49
CA THR A 91 12.30 -0.18 -7.23
C THR A 91 10.82 -0.40 -7.44
N ALA A 92 10.35 -1.62 -7.15
CA ALA A 92 8.95 -2.01 -7.40
C ALA A 92 8.67 -3.41 -6.90
N LEU A 93 7.39 -3.74 -6.77
CA LEU A 93 6.95 -5.11 -6.62
C LEU A 93 6.84 -5.68 -8.03
N TYR A 94 7.50 -6.80 -8.30
CA TYR A 94 7.52 -7.41 -9.63
C TYR A 94 6.59 -8.62 -9.69
N TYR A 95 5.53 -8.50 -10.48
CA TYR A 95 4.59 -9.61 -10.69
C TYR A 95 4.90 -10.42 -11.93
N CYS A 96 4.78 -11.74 -11.78
CA CYS A 96 4.72 -12.66 -12.91
C CYS A 96 3.25 -12.72 -13.31
N ALA A 97 2.96 -12.65 -14.60
CA ALA A 97 1.57 -12.70 -15.04
C ALA A 97 1.36 -13.52 -16.29
N LYS A 98 0.33 -14.34 -16.26
CA LYS A 98 -0.06 -15.14 -17.41
C LYS A 98 -1.00 -14.37 -18.35
N ASP A 99 -0.72 -14.44 -19.63
CA ASP A 99 -1.65 -13.89 -20.62
C ASP A 99 -2.94 -14.70 -20.66
N ARG A 100 -4.06 -14.03 -20.91
CA ARG A 100 -5.34 -14.70 -21.03
C ARG A 100 -5.44 -15.55 -22.30
N LEU A 101 -4.95 -15.00 -23.41
CA LEU A 101 -4.98 -15.69 -24.70
C LEU A 101 -4.16 -16.97 -24.68
N GLU A 102 -4.80 -18.09 -24.99
CA GLU A 102 -4.04 -19.26 -25.38
C GLU A 102 -3.40 -18.90 -26.72
N SER A 103 -2.14 -19.25 -26.89
CA SER A 103 -1.35 -18.83 -28.05
C SER A 103 -1.92 -19.23 -29.43
N SER A 104 -2.00 -18.26 -30.32
CA SER A 104 -2.38 -18.50 -31.72
C SER A 104 -1.12 -18.79 -32.52
N ALA A 105 0.02 -18.72 -31.83
CA ALA A 105 1.34 -18.99 -32.41
C ALA A 105 1.75 -17.99 -33.49
N MET A 106 2.04 -18.51 -34.68
CA MET A 106 2.69 -17.76 -35.76
C MET A 106 3.90 -16.95 -35.26
N ASP A 107 4.46 -17.40 -34.15
CA ASP A 107 5.64 -16.80 -33.52
C ASP A 107 5.58 -15.28 -33.42
N ILE A 108 4.93 -14.81 -32.37
CA ILE A 108 4.78 -13.38 -32.13
C ILE A 108 4.53 -13.14 -30.65
N LEU A 109 4.94 -11.96 -30.18
CA LEU A 109 4.60 -11.48 -28.85
C LEU A 109 3.30 -10.70 -28.99
N GLU A 110 2.23 -11.24 -28.44
CA GLU A 110 0.92 -10.61 -28.54
C GLU A 110 0.08 -11.00 -27.33
N GLY A 111 -1.18 -10.56 -27.33
CA GLY A 111 -2.08 -10.82 -26.23
C GLY A 111 -2.36 -9.50 -25.54
N GLY A 112 -2.04 -9.41 -24.25
CA GLY A 112 -2.09 -8.14 -23.58
C GLY A 112 -3.08 -7.98 -22.45
N THR A 113 -3.84 -9.03 -22.11
CA THR A 113 -4.57 -9.02 -20.85
C THR A 113 -4.03 -10.12 -19.95
N PHE A 114 -3.98 -9.84 -18.65
CA PHE A 114 -3.35 -10.74 -17.71
C PHE A 114 -4.40 -11.30 -16.76
N ASP A 115 -4.76 -12.58 -16.88
CA ASP A 115 -5.84 -13.11 -16.03
C ASP A 115 -5.35 -13.87 -14.81
N ILE A 116 -4.08 -14.27 -14.78
CA ILE A 116 -3.53 -14.85 -13.56
C ILE A 116 -2.23 -14.17 -13.17
N TRP A 117 -2.13 -13.80 -11.89
CA TRP A 117 -1.00 -13.05 -11.39
C TRP A 117 -0.44 -13.75 -10.18
N GLY A 118 0.87 -13.64 -9.99
CA GLY A 118 1.50 -14.10 -8.76
C GLY A 118 1.32 -13.08 -7.64
N GLN A 119 1.98 -13.30 -6.51
CA GLN A 119 1.88 -12.40 -5.35
C GLN A 119 2.89 -11.26 -5.49
N GLY A 120 3.88 -11.49 -6.34
CA GLY A 120 4.90 -10.48 -6.60
C GLY A 120 6.14 -10.66 -5.72
N THR A 121 7.28 -10.17 -6.19
CA THR A 121 8.49 -10.18 -5.39
C THR A 121 9.06 -8.76 -5.36
N MET A 122 9.42 -8.30 -4.16
CA MET A 122 9.80 -6.90 -3.98
C MET A 122 11.25 -6.62 -4.32
N VAL A 123 11.48 -5.59 -5.15
CA VAL A 123 12.84 -5.20 -5.49
C VAL A 123 13.07 -3.76 -5.04
N THR A 124 14.12 -3.56 -4.26
CA THR A 124 14.46 -2.24 -3.76
C THR A 124 15.88 -1.94 -4.20
N VAL A 125 16.04 -0.88 -4.95
CA VAL A 125 17.36 -0.47 -5.41
C VAL A 125 17.73 0.82 -4.71
N SER A 126 18.79 0.77 -3.94
CA SER A 126 19.17 1.91 -3.12
C SER A 126 20.61 1.75 -2.65
N SER A 127 21.28 2.88 -2.44
CA SER A 127 22.62 2.84 -1.88
C SER A 127 22.57 2.82 -0.35
N ALA A 128 21.38 3.01 0.21
CA ALA A 128 21.20 2.98 1.66
C ALA A 128 21.36 1.57 2.23
N SER A 129 21.94 1.49 3.42
CA SER A 129 22.24 0.18 4.00
C SER A 129 21.08 -0.28 4.87
N THR A 130 20.88 -1.60 4.94
CA THR A 130 19.82 -2.15 5.78
C THR A 130 20.03 -1.69 7.21
N LYS A 131 18.94 -1.29 7.87
CA LYS A 131 18.99 -0.81 9.25
C LYS A 131 17.72 -1.25 10.00
N GLY A 132 17.92 -1.89 11.15
CA GLY A 132 16.79 -2.33 11.95
C GLY A 132 16.14 -1.23 12.77
N PRO A 133 14.87 -1.39 13.12
CA PRO A 133 14.12 -0.33 13.83
C PRO A 133 14.46 -0.25 15.31
N SER A 134 14.24 0.92 15.89
CA SER A 134 14.19 1.08 17.33
C SER A 134 12.71 1.08 17.70
N VAL A 135 12.37 0.36 18.77
CA VAL A 135 10.98 0.22 19.15
C VAL A 135 10.73 0.95 20.46
N PHE A 136 9.84 1.93 20.45
CA PHE A 136 9.57 2.72 21.64
C PHE A 136 8.11 2.56 22.02
N PRO A 137 7.82 2.54 23.33
CA PRO A 137 6.41 2.42 23.76
C PRO A 137 5.67 3.74 23.58
N LEU A 138 4.40 3.62 23.26
CA LEU A 138 3.46 4.72 23.30
C LEU A 138 2.57 4.39 24.50
N ALA A 139 2.91 4.93 25.65
CA ALA A 139 2.21 4.52 26.89
C ALA A 139 0.90 5.25 27.10
N PRO A 140 -0.12 4.54 27.62
CA PRO A 140 -1.42 5.15 27.93
C PRO A 140 -1.35 5.90 29.26
N SER A 141 -2.26 6.86 29.46
CA SER A 141 -2.40 7.56 30.74
C SER A 141 -3.66 8.42 30.79
N SER A 142 -3.84 9.14 31.88
CA SER A 142 -5.00 10.03 32.03
C SER A 142 -4.59 11.37 32.65
N GLY A 148 -14.45 5.80 28.16
CA GLY A 148 -13.91 4.69 28.93
C GLY A 148 -12.88 3.88 28.16
N THR A 149 -12.29 4.50 27.15
CA THR A 149 -11.32 3.76 26.35
C THR A 149 -9.96 4.44 26.39
N ALA A 150 -8.91 3.63 26.53
CA ALA A 150 -7.55 4.13 26.49
C ALA A 150 -6.88 3.72 25.17
N ALA A 151 -5.68 4.23 24.94
CA ALA A 151 -4.93 3.81 23.77
C ALA A 151 -3.48 3.61 24.17
N LEU A 152 -2.84 2.62 23.54
CA LEU A 152 -1.41 2.49 23.68
C LEU A 152 -0.84 1.99 22.37
N GLY A 153 0.49 1.90 22.32
CA GLY A 153 1.09 1.58 21.04
C GLY A 153 2.57 1.34 21.11
N CYS A 154 3.17 1.16 19.93
CA CYS A 154 4.60 1.01 19.79
C CYS A 154 5.02 1.82 18.60
N LEU A 155 6.07 2.62 18.78
CA LEU A 155 6.66 3.41 17.70
C LEU A 155 7.84 2.65 17.14
N VAL A 156 7.80 2.37 15.85
CA VAL A 156 8.82 1.59 15.17
C VAL A 156 9.58 2.54 14.28
N LYS A 157 10.74 2.99 14.74
CA LYS A 157 11.38 4.14 14.11
C LYS A 157 12.73 3.83 13.46
N ASP A 158 12.96 4.46 12.31
CA ASP A 158 14.26 4.50 11.63
C ASP A 158 14.76 3.18 11.15
N TYR A 159 14.05 2.59 10.21
CA TYR A 159 14.49 1.32 9.64
C TYR A 159 14.54 1.41 8.12
N PHE A 160 15.22 0.44 7.50
CA PHE A 160 15.35 0.37 6.05
C PHE A 160 15.85 -1.01 5.67
N PRO A 161 15.31 -1.59 4.59
CA PRO A 161 14.18 -1.06 3.82
C PRO A 161 12.86 -1.58 4.38
N GLU A 162 11.76 -1.24 3.71
CA GLU A 162 10.46 -1.86 4.00
C GLU A 162 10.58 -3.35 3.71
N PRO A 163 9.72 -4.19 4.34
CA PRO A 163 8.66 -3.83 5.28
C PRO A 163 8.97 -4.26 6.71
N VAL A 164 8.14 -3.80 7.64
CA VAL A 164 8.15 -4.30 9.00
C VAL A 164 6.73 -4.78 9.32
N THR A 165 6.64 -5.85 10.11
CA THR A 165 5.34 -6.37 10.52
C THR A 165 5.19 -6.22 12.03
N VAL A 166 3.96 -5.97 12.50
CA VAL A 166 3.69 -5.86 13.92
C VAL A 166 2.49 -6.71 14.34
N SER A 167 2.64 -7.43 15.43
CA SER A 167 1.50 -8.09 16.06
C SER A 167 1.47 -7.65 17.50
N TRP A 168 0.38 -7.99 18.20
CA TRP A 168 0.27 -7.69 19.61
C TRP A 168 -0.03 -8.96 20.39
N ASN A 169 0.66 -9.15 21.50
CA ASN A 169 0.56 -10.37 22.30
C ASN A 169 0.68 -11.65 21.46
N SER A 170 1.68 -11.70 20.60
CA SER A 170 1.95 -12.86 19.76
C SER A 170 0.73 -13.32 18.98
N GLY A 171 -0.07 -12.36 18.51
CA GLY A 171 -1.21 -12.65 17.69
C GLY A 171 -2.54 -12.76 18.42
N ALA A 172 -2.49 -12.68 19.75
CA ALA A 172 -3.68 -12.90 20.59
C ALA A 172 -4.53 -11.64 20.66
N LEU A 173 -3.90 -10.49 20.46
CA LEU A 173 -4.62 -9.22 20.44
C LEU A 173 -4.70 -8.74 18.99
N THR A 174 -5.90 -8.72 18.43
CA THR A 174 -6.06 -8.27 17.04
C THR A 174 -7.15 -7.21 16.90
N SER A 175 -8.19 -7.29 17.72
CA SER A 175 -9.28 -6.32 17.65
C SER A 175 -8.90 -4.97 18.26
N GLY A 176 -9.15 -3.91 17.50
CA GLY A 176 -8.84 -2.57 17.96
C GLY A 176 -7.43 -2.14 17.57
N VAL A 177 -6.70 -3.04 16.92
CA VAL A 177 -5.32 -2.74 16.54
C VAL A 177 -5.30 -1.94 15.23
N HIS A 178 -4.45 -0.92 15.18
CA HIS A 178 -4.15 -0.22 13.93
C HIS A 178 -2.67 -0.16 13.73
N THR A 179 -2.17 -0.84 12.70
CA THR A 179 -0.77 -0.70 12.34
C THR A 179 -0.70 0.17 11.10
N PHE A 180 -0.17 1.39 11.25
CA PHE A 180 -0.22 2.38 10.18
C PHE A 180 0.79 2.09 9.06
N PRO A 181 0.44 2.49 7.83
CA PRO A 181 1.44 2.49 6.75
C PRO A 181 2.66 3.27 7.19
N ALA A 182 3.84 2.76 6.86
CA ALA A 182 5.08 3.47 7.17
C ALA A 182 5.16 4.78 6.38
N VAL A 183 5.90 5.74 6.93
CA VAL A 183 6.20 6.97 6.23
C VAL A 183 7.71 7.07 6.05
N LEU A 184 8.11 7.65 4.92
CA LEU A 184 9.52 7.88 4.63
C LEU A 184 9.93 9.22 5.22
N GLN A 185 10.88 9.18 6.14
CA GLN A 185 11.36 10.40 6.82
C GLN A 185 12.42 11.09 5.97
N SER A 186 12.72 12.35 6.29
CA SER A 186 13.68 13.12 5.49
C SER A 186 15.08 12.51 5.52
N SER A 187 15.33 11.71 6.55
CA SER A 187 16.59 10.99 6.70
C SER A 187 16.75 9.87 5.67
N GLY A 188 15.65 9.51 5.01
CA GLY A 188 15.66 8.35 4.12
C GLY A 188 15.26 7.05 4.82
N LEU A 189 14.99 7.13 6.12
CA LEU A 189 14.56 5.94 6.87
C LEU A 189 13.06 5.96 7.11
N TYR A 190 12.49 4.78 7.32
CA TYR A 190 11.06 4.61 7.51
C TYR A 190 10.70 4.58 8.99
N SER A 191 9.46 4.93 9.29
CA SER A 191 8.96 4.87 10.64
C SER A 191 7.46 4.59 10.56
N LEU A 192 6.94 3.83 11.52
CA LEU A 192 5.51 3.65 11.65
C LEU A 192 5.14 3.52 13.11
N SER A 193 3.84 3.55 13.38
CA SER A 193 3.36 3.23 14.72
C SER A 193 2.30 2.17 14.61
N SER A 194 2.19 1.34 15.64
CA SER A 194 1.09 0.42 15.76
C SER A 194 0.41 0.75 17.07
N VAL A 195 -0.91 0.92 17.04
CA VAL A 195 -1.65 1.22 18.26
C VAL A 195 -2.80 0.25 18.43
N VAL A 196 -3.38 0.26 19.61
CA VAL A 196 -4.59 -0.47 19.88
C VAL A 196 -5.40 0.29 20.94
N THR A 197 -6.71 0.37 20.74
CA THR A 197 -7.54 0.99 21.78
C THR A 197 -8.01 -0.12 22.71
N VAL A 198 -8.14 0.20 24.00
CA VAL A 198 -8.53 -0.77 25.02
C VAL A 198 -9.49 -0.14 26.03
N PRO A 199 -10.31 -0.96 26.68
CA PRO A 199 -11.03 -0.44 27.85
C PRO A 199 -10.04 0.07 28.89
N SER A 200 -10.30 1.24 29.46
CA SER A 200 -9.40 1.84 30.45
C SER A 200 -9.12 0.93 31.65
N SER A 201 -10.15 0.22 32.10
CA SER A 201 -10.02 -0.64 33.28
C SER A 201 -8.99 -1.76 33.09
N SER A 202 -8.75 -2.12 31.84
CA SER A 202 -7.86 -3.22 31.51
C SER A 202 -6.39 -2.87 31.75
N LEU A 203 -6.10 -1.58 31.82
CA LEU A 203 -4.73 -1.09 32.00
C LEU A 203 -4.06 -1.62 33.27
N GLY A 204 -4.84 -1.80 34.33
CA GLY A 204 -4.30 -2.36 35.55
C GLY A 204 -4.26 -3.89 35.49
N THR A 205 -5.11 -4.45 34.65
CA THR A 205 -5.35 -5.90 34.67
C THR A 205 -4.59 -6.70 33.61
N GLN A 206 -4.30 -6.09 32.46
CA GLN A 206 -3.85 -6.85 31.30
C GLN A 206 -2.48 -6.43 30.76
N THR A 207 -1.74 -7.39 30.20
CA THR A 207 -0.41 -7.15 29.66
C THR A 207 -0.47 -6.87 28.15
N TYR A 208 0.31 -5.90 27.70
CA TYR A 208 0.35 -5.56 26.29
C TYR A 208 1.78 -5.56 25.78
N ILE A 209 2.05 -6.41 24.81
CA ILE A 209 3.37 -6.51 24.22
C ILE A 209 3.26 -6.42 22.70
N CYS A 210 4.02 -5.51 22.10
CA CYS A 210 4.02 -5.46 20.64
C CYS A 210 5.20 -6.27 20.11
N ASN A 211 4.92 -7.08 19.09
CA ASN A 211 5.95 -7.90 18.49
C ASN A 211 6.32 -7.34 17.13
N VAL A 212 7.56 -6.87 17.01
CA VAL A 212 8.00 -6.22 15.81
C VAL A 212 8.97 -7.12 15.04
N ASN A 213 8.71 -7.31 13.75
CA ASN A 213 9.63 -8.06 12.92
C ASN A 213 10.09 -7.29 11.69
N HIS A 214 11.39 -7.15 11.55
CA HIS A 214 11.97 -6.52 10.38
C HIS A 214 12.87 -7.54 9.71
N LYS A 215 12.31 -8.29 8.77
CA LYS A 215 13.03 -9.37 8.12
C LYS A 215 14.35 -8.99 7.44
N PRO A 216 14.39 -7.85 6.71
CA PRO A 216 15.67 -7.52 6.06
C PRO A 216 16.86 -7.48 7.04
N SER A 217 16.64 -7.06 8.27
CA SER A 217 17.73 -6.95 9.23
C SER A 217 17.69 -8.03 10.29
N ASN A 218 16.86 -9.05 10.06
CA ASN A 218 16.59 -10.09 11.05
C ASN A 218 16.37 -9.51 12.45
N THR A 219 15.59 -8.44 12.51
CA THR A 219 15.33 -7.79 13.79
C THR A 219 13.97 -8.22 14.30
N LYS A 220 13.98 -8.86 15.46
CA LYS A 220 12.77 -9.22 16.18
C LYS A 220 12.83 -8.56 17.56
N VAL A 221 11.80 -7.79 17.89
CA VAL A 221 11.79 -7.03 19.13
C VAL A 221 10.42 -7.17 19.79
N ASP A 222 10.42 -7.54 21.06
CA ASP A 222 9.18 -7.55 21.85
C ASP A 222 9.27 -6.43 22.86
N LYS A 223 8.31 -5.51 22.82
CA LYS A 223 8.30 -4.39 23.76
C LYS A 223 7.04 -4.42 24.61
N ARG A 224 7.23 -4.60 25.91
CA ARG A 224 6.11 -4.51 26.83
C ARG A 224 5.72 -3.04 26.92
N VAL A 225 4.43 -2.78 26.85
CA VAL A 225 3.91 -1.42 26.93
C VAL A 225 3.01 -1.35 28.17
N GLU A 226 3.38 -0.50 29.11
CA GLU A 226 2.61 -0.35 30.35
C GLU A 226 2.44 1.12 30.69
N PRO A 227 1.41 1.46 31.49
CA PRO A 227 1.12 2.84 31.91
C PRO A 227 2.32 3.53 32.54
N LYS A 228 2.41 4.86 32.38
CA LYS A 228 3.48 5.62 33.02
C LYS A 228 3.00 6.17 34.37
N SER A 229 3.93 6.25 35.33
CA SER A 229 3.57 6.63 36.69
C SER A 229 4.23 7.94 37.15
N CYS A 230 3.62 8.56 38.15
CA CYS A 230 4.12 9.81 38.71
C CYS A 230 3.45 10.10 40.06
N GLU B 1 2.88 7.86 -27.20
CA GLU B 1 2.43 6.64 -26.50
C GLU B 1 1.01 6.82 -25.96
N ILE B 2 0.23 5.73 -25.87
CA ILE B 2 -1.15 5.89 -25.41
C ILE B 2 -1.24 6.13 -23.91
N VAL B 3 -1.61 7.35 -23.55
CA VAL B 3 -1.79 7.72 -22.16
C VAL B 3 -3.27 7.53 -21.82
N LEU B 4 -3.54 6.78 -20.75
CA LEU B 4 -4.91 6.58 -20.30
C LEU B 4 -5.13 7.43 -19.08
N THR B 5 -6.17 8.28 -19.14
CA THR B 5 -6.50 9.17 -18.03
C THR B 5 -7.79 8.72 -17.39
N GLN B 6 -7.71 8.27 -16.14
CA GLN B 6 -8.91 7.84 -15.41
C GLN B 6 -9.47 8.98 -14.57
N SER B 7 -10.78 8.98 -14.41
CA SER B 7 -11.46 9.93 -13.55
C SER B 7 -12.73 9.26 -13.01
N PRO B 8 -13.19 9.68 -11.82
CA PRO B 8 -12.49 10.61 -10.92
C PRO B 8 -11.34 9.91 -10.22
N GLY B 9 -10.56 10.64 -9.43
CA GLY B 9 -9.48 10.04 -8.66
C GLY B 9 -10.03 9.12 -7.58
N THR B 10 -11.11 9.54 -6.95
CA THR B 10 -11.78 8.78 -5.89
C THR B 10 -13.29 8.91 -6.02
N LEU B 11 -13.98 7.78 -5.95
CA LEU B 11 -15.43 7.75 -5.86
C LEU B 11 -15.82 7.28 -4.45
N SER B 12 -16.73 8.01 -3.80
CA SER B 12 -17.30 7.60 -2.50
C SER B 12 -18.76 7.30 -2.68
N LEU B 13 -19.16 6.06 -2.41
CA LEU B 13 -20.51 5.63 -2.70
C LEU B 13 -21.04 4.72 -1.59
N SER B 14 -22.32 4.87 -1.26
CA SER B 14 -22.96 3.96 -0.32
C SER B 14 -23.17 2.62 -1.03
N PRO B 15 -23.22 1.51 -0.27
CA PRO B 15 -23.55 0.21 -0.87
C PRO B 15 -24.90 0.25 -1.57
N GLY B 16 -24.97 -0.41 -2.73
CA GLY B 16 -26.17 -0.38 -3.55
C GLY B 16 -26.20 0.73 -4.59
N GLU B 17 -25.34 1.74 -4.45
CA GLU B 17 -25.26 2.84 -5.42
C GLU B 17 -24.48 2.48 -6.69
N ARG B 18 -24.68 3.25 -7.76
CA ARG B 18 -24.02 2.99 -9.03
C ARG B 18 -22.66 3.68 -9.07
N ALA B 19 -21.63 2.91 -9.44
CA ALA B 19 -20.29 3.45 -9.63
C ALA B 19 -20.04 3.58 -11.13
N THR B 20 -19.63 4.77 -11.56
CA THR B 20 -19.31 5.00 -12.98
C THR B 20 -17.89 5.52 -13.09
N LEU B 21 -17.01 4.71 -13.67
CA LEU B 21 -15.59 4.99 -13.75
C LEU B 21 -15.20 5.25 -15.20
N SER B 22 -14.45 6.31 -15.44
CA SER B 22 -14.11 6.71 -16.81
C SER B 22 -12.65 6.50 -17.14
N CYS B 23 -12.39 6.06 -18.37
CA CYS B 23 -11.03 5.94 -18.90
C CYS B 23 -11.00 6.68 -20.23
N ARG B 24 -10.11 7.67 -20.35
CA ARG B 24 -9.92 8.42 -21.59
C ARG B 24 -8.52 8.17 -22.17
N ALA B 25 -8.45 7.86 -23.47
CA ALA B 25 -7.17 7.59 -24.10
C ALA B 25 -6.72 8.76 -24.97
N SER B 26 -5.41 8.96 -25.05
CA SER B 26 -4.81 10.05 -25.83
C SER B 26 -4.82 9.80 -27.34
N GLN B 27 -5.15 8.58 -27.72
CA GLN B 27 -5.39 8.22 -29.12
C GLN B 27 -6.33 7.02 -29.17
N SER B 28 -6.89 6.75 -30.34
CA SER B 28 -7.85 5.66 -30.48
C SER B 28 -7.26 4.30 -30.08
N VAL B 29 -7.99 3.57 -29.24
CA VAL B 29 -7.56 2.24 -28.84
C VAL B 29 -8.11 1.27 -29.85
N SER B 30 -7.23 0.66 -30.64
CA SER B 30 -7.69 -0.21 -31.73
C SER B 30 -8.51 -1.39 -31.25
N SER B 31 -9.59 -1.68 -32.00
CA SER B 31 -10.40 -2.88 -31.79
C SER B 31 -11.04 -2.99 -30.40
N SER B 32 -11.19 -1.85 -29.73
CA SER B 32 -11.73 -1.81 -28.38
C SER B 32 -10.94 -2.71 -27.43
N TYR B 33 -9.63 -2.80 -27.68
CA TYR B 33 -8.77 -3.61 -26.83
C TYR B 33 -8.48 -2.89 -25.53
N LEU B 34 -9.49 -2.86 -24.66
CA LEU B 34 -9.36 -2.15 -23.40
C LEU B 34 -9.84 -3.01 -22.25
N ALA B 35 -9.00 -3.16 -21.24
CA ALA B 35 -9.29 -4.02 -20.11
C ALA B 35 -9.38 -3.23 -18.81
N TRP B 36 -10.11 -3.79 -17.87
CA TRP B 36 -10.24 -3.22 -16.52
C TRP B 36 -9.81 -4.24 -15.48
N TYR B 37 -9.09 -3.78 -14.47
CA TYR B 37 -8.64 -4.63 -13.36
C TYR B 37 -9.07 -4.03 -12.03
N GLN B 38 -9.33 -4.90 -11.06
CA GLN B 38 -9.61 -4.49 -9.70
C GLN B 38 -8.37 -4.83 -8.88
N GLN B 39 -7.92 -3.92 -8.03
CA GLN B 39 -6.84 -4.26 -7.09
C GLN B 39 -7.14 -3.84 -5.64
N LYS B 40 -7.13 -4.81 -4.74
CA LYS B 40 -7.32 -4.53 -3.32
C LYS B 40 -5.96 -4.43 -2.64
N PRO B 41 -5.88 -3.69 -1.52
CA PRO B 41 -4.60 -3.51 -0.83
C PRO B 41 -3.93 -4.83 -0.46
N GLY B 42 -2.63 -4.95 -0.73
CA GLY B 42 -1.88 -6.15 -0.43
C GLY B 42 -2.12 -7.32 -1.37
N GLN B 43 -2.94 -7.10 -2.40
CA GLN B 43 -3.30 -8.18 -3.32
C GLN B 43 -2.92 -7.82 -4.75
N ALA B 44 -2.82 -8.84 -5.59
CA ALA B 44 -2.50 -8.64 -6.99
C ALA B 44 -3.76 -8.18 -7.72
N PRO B 45 -3.59 -7.53 -8.87
CA PRO B 45 -4.75 -7.12 -9.68
C PRO B 45 -5.59 -8.32 -10.13
N ARG B 46 -6.87 -8.06 -10.40
CA ARG B 46 -7.76 -9.10 -10.88
C ARG B 46 -8.47 -8.59 -12.12
N LEU B 47 -8.44 -9.37 -13.20
CA LEU B 47 -9.06 -8.95 -14.45
C LEU B 47 -10.59 -9.02 -14.34
N LEU B 48 -11.26 -7.92 -14.70
CA LEU B 48 -12.72 -7.82 -14.63
C LEU B 48 -13.33 -7.89 -16.01
N ILE B 49 -12.76 -7.10 -16.93
CA ILE B 49 -13.33 -6.83 -18.24
C ILE B 49 -12.22 -6.82 -19.29
N TYR B 50 -12.50 -7.41 -20.45
CA TYR B 50 -11.59 -7.26 -21.60
C TYR B 50 -12.41 -6.93 -22.85
N GLY B 51 -11.73 -6.51 -23.92
CA GLY B 51 -12.44 -6.13 -25.13
C GLY B 51 -13.46 -5.05 -24.85
N ALA B 52 -13.13 -4.16 -23.93
CA ALA B 52 -13.99 -3.05 -23.49
C ALA B 52 -15.31 -3.44 -22.80
N SER B 53 -15.91 -4.57 -23.17
CA SER B 53 -17.27 -4.89 -22.69
C SER B 53 -17.50 -6.35 -22.25
N THR B 54 -16.49 -7.20 -22.41
CA THR B 54 -16.65 -8.63 -22.09
C THR B 54 -16.20 -8.96 -20.67
N ARG B 55 -17.12 -9.46 -19.86
CA ARG B 55 -16.79 -9.87 -18.50
C ARG B 55 -15.88 -11.08 -18.51
N ALA B 56 -14.80 -11.04 -17.73
CA ALA B 56 -13.96 -12.21 -17.54
C ALA B 56 -14.71 -13.31 -16.77
N THR B 57 -14.25 -14.54 -16.89
CA THR B 57 -14.94 -15.66 -16.25
C THR B 57 -14.96 -15.49 -14.74
N GLY B 58 -16.12 -15.76 -14.14
CA GLY B 58 -16.27 -15.70 -12.69
C GLY B 58 -16.63 -14.33 -12.14
N ILE B 59 -16.58 -13.30 -12.97
CA ILE B 59 -16.82 -11.93 -12.50
C ILE B 59 -18.32 -11.66 -12.38
N PRO B 60 -18.75 -11.09 -11.23
CA PRO B 60 -20.18 -10.85 -10.99
C PRO B 60 -20.82 -9.97 -12.07
N ALA B 61 -22.09 -10.21 -12.33
CA ALA B 61 -22.81 -9.52 -13.41
C ALA B 61 -22.98 -8.02 -13.16
N ARG B 62 -22.78 -7.58 -11.93
CA ARG B 62 -22.90 -6.15 -11.65
C ARG B 62 -21.79 -5.32 -12.29
N PHE B 63 -20.70 -5.96 -12.70
CA PHE B 63 -19.62 -5.28 -13.41
C PHE B 63 -19.87 -5.30 -14.91
N SER B 64 -19.80 -4.13 -15.54
CA SER B 64 -19.97 -4.05 -16.98
C SER B 64 -19.10 -2.94 -17.54
N GLY B 65 -18.75 -3.07 -18.81
CA GLY B 65 -17.92 -2.08 -19.46
C GLY B 65 -18.53 -1.65 -20.77
N SER B 66 -18.21 -0.41 -21.20
CA SER B 66 -18.69 0.08 -22.47
C SER B 66 -17.68 1.07 -23.06
N GLY B 67 -17.91 1.46 -24.31
CA GLY B 67 -17.05 2.44 -24.95
C GLY B 67 -16.31 1.91 -26.16
N SER B 68 -15.60 2.83 -26.82
CA SER B 68 -14.77 2.55 -27.99
C SER B 68 -14.00 3.82 -28.33
N GLY B 69 -13.06 3.72 -29.26
CA GLY B 69 -12.25 4.88 -29.62
C GLY B 69 -11.37 5.36 -28.47
N THR B 70 -11.72 6.51 -27.92
CA THR B 70 -10.91 7.13 -26.88
C THR B 70 -11.62 7.23 -25.53
N ASP B 71 -12.86 6.74 -25.46
CA ASP B 71 -13.68 6.91 -24.25
C ASP B 71 -14.32 5.61 -23.77
N PHE B 72 -13.95 5.20 -22.56
CA PHE B 72 -14.41 3.92 -22.03
C PHE B 72 -14.92 4.09 -20.60
N THR B 73 -15.83 3.22 -20.20
CA THR B 73 -16.45 3.31 -18.89
C THR B 73 -16.58 1.94 -18.22
N LEU B 74 -16.30 1.89 -16.93
CA LEU B 74 -16.62 0.70 -16.16
C LEU B 74 -17.77 1.09 -15.23
N THR B 75 -18.79 0.25 -15.19
CA THR B 75 -19.96 0.48 -14.34
C THR B 75 -20.16 -0.67 -13.35
N ILE B 76 -20.33 -0.34 -12.08
CA ILE B 76 -20.73 -1.29 -11.07
C ILE B 76 -22.15 -0.85 -10.77
N SER B 77 -23.12 -1.67 -11.18
CA SER B 77 -24.52 -1.24 -11.16
C SER B 77 -25.05 -0.99 -9.75
N ARG B 78 -24.66 -1.85 -8.81
CA ARG B 78 -25.03 -1.68 -7.42
C ARG B 78 -23.86 -2.14 -6.55
N LEU B 79 -23.16 -1.17 -5.96
CA LEU B 79 -21.92 -1.43 -5.24
C LEU B 79 -22.07 -2.37 -4.03
N GLU B 80 -21.20 -3.36 -3.96
CA GLU B 80 -21.11 -4.23 -2.78
C GLU B 80 -19.95 -3.73 -1.92
N PRO B 81 -19.99 -4.01 -0.61
CA PRO B 81 -18.88 -3.68 0.28
C PRO B 81 -17.52 -4.19 -0.20
N GLU B 82 -17.48 -5.39 -0.76
CA GLU B 82 -16.22 -5.98 -1.16
C GLU B 82 -15.65 -5.34 -2.43
N ASP B 83 -16.37 -4.37 -2.99
CA ASP B 83 -15.92 -3.69 -4.21
C ASP B 83 -14.98 -2.54 -3.89
N LEU B 84 -14.68 -2.35 -2.60
CA LEU B 84 -13.71 -1.33 -2.24
C LEU B 84 -12.32 -1.76 -2.75
N ALA B 85 -11.74 -0.92 -3.59
CA ALA B 85 -10.54 -1.29 -4.34
C ALA B 85 -10.12 -0.12 -5.21
N VAL B 86 -8.95 -0.27 -5.83
CA VAL B 86 -8.54 0.61 -6.92
C VAL B 86 -8.83 -0.13 -8.21
N TYR B 87 -9.34 0.61 -9.19
CA TYR B 87 -9.66 0.04 -10.48
C TYR B 87 -8.73 0.70 -11.50
N TYR B 88 -8.13 -0.13 -12.36
CA TYR B 88 -7.22 0.36 -13.38
C TYR B 88 -7.74 -0.02 -14.75
N CYS B 89 -7.66 0.90 -15.71
CA CYS B 89 -7.90 0.50 -17.09
C CYS B 89 -6.55 0.17 -17.74
N GLN B 90 -6.58 -0.57 -18.84
CA GLN B 90 -5.37 -0.94 -19.55
C GLN B 90 -5.67 -1.18 -21.03
N GLN B 91 -4.86 -0.59 -21.90
CA GLN B 91 -5.03 -0.82 -23.33
C GLN B 91 -4.00 -1.79 -23.87
N TYR B 92 -4.45 -2.65 -24.77
CA TYR B 92 -3.56 -3.58 -25.42
C TYR B 92 -3.75 -3.56 -26.94
N GLY B 93 -4.24 -2.43 -27.45
CA GLY B 93 -4.40 -2.25 -28.87
C GLY B 93 -3.14 -1.75 -29.56
N SER B 94 -2.23 -1.17 -28.77
CA SER B 94 -0.99 -0.62 -29.31
C SER B 94 0.14 -0.89 -28.33
N SER B 95 1.32 -1.25 -28.83
CA SER B 95 2.44 -1.50 -27.92
C SER B 95 3.33 -0.29 -27.84
N PRO B 96 3.85 0.03 -26.63
CA PRO B 96 3.72 -0.72 -25.37
C PRO B 96 2.35 -0.59 -24.72
N TRP B 97 1.88 -1.70 -24.17
CA TRP B 97 0.64 -1.70 -23.42
C TRP B 97 0.79 -0.77 -22.23
N THR B 98 -0.26 -0.01 -21.96
CA THR B 98 -0.24 0.96 -20.89
C THR B 98 -1.48 0.86 -19.99
N PHE B 99 -1.30 1.29 -18.74
CA PHE B 99 -2.35 1.31 -17.73
C PHE B 99 -2.69 2.76 -17.38
N GLY B 100 -3.94 3.00 -16.98
CA GLY B 100 -4.29 4.24 -16.32
C GLY B 100 -3.74 4.28 -14.90
N GLN B 101 -3.88 5.41 -14.22
CA GLN B 101 -3.32 5.59 -12.88
C GLN B 101 -4.26 5.19 -11.74
N GLY B 102 -5.44 4.70 -12.10
CA GLY B 102 -6.37 4.16 -11.11
C GLY B 102 -7.45 5.10 -10.61
N THR B 103 -8.61 4.53 -10.31
CA THR B 103 -9.68 5.21 -9.60
C THR B 103 -9.95 4.42 -8.34
N LYS B 104 -9.88 5.09 -7.19
CA LYS B 104 -10.19 4.44 -5.93
C LYS B 104 -11.69 4.54 -5.62
N VAL B 105 -12.30 3.41 -5.28
CA VAL B 105 -13.68 3.40 -4.86
C VAL B 105 -13.69 3.17 -3.37
N GLU B 106 -14.23 4.13 -2.62
CA GLU B 106 -14.36 3.96 -1.17
C GLU B 106 -15.81 3.96 -0.76
N ILE B 107 -16.09 3.39 0.40
CA ILE B 107 -17.47 3.19 0.83
C ILE B 107 -17.95 4.29 1.74
N LYS B 108 -19.06 4.89 1.36
CA LYS B 108 -19.62 5.97 2.13
C LYS B 108 -20.46 5.36 3.24
N ARG B 109 -20.38 5.95 4.41
CA ARG B 109 -21.18 5.54 5.56
C ARG B 109 -21.55 6.82 6.27
N THR B 110 -22.24 6.73 7.39
CA THR B 110 -22.59 7.93 8.13
C THR B 110 -21.35 8.54 8.78
N VAL B 111 -21.43 9.85 9.03
CA VAL B 111 -20.36 10.57 9.70
C VAL B 111 -20.09 10.02 11.11
N ALA B 112 -18.80 9.80 11.38
CA ALA B 112 -18.35 9.32 12.66
C ALA B 112 -17.17 10.16 13.13
N ALA B 113 -17.32 10.81 14.29
CA ALA B 113 -16.25 11.65 14.82
C ALA B 113 -15.13 10.78 15.40
N PRO B 114 -13.87 11.23 15.25
CA PRO B 114 -12.78 10.42 15.81
C PRO B 114 -12.71 10.54 17.33
N SER B 115 -12.24 9.49 17.99
CA SER B 115 -11.73 9.67 19.35
C SER B 115 -10.26 10.00 19.20
N VAL B 116 -9.75 10.85 20.09
CA VAL B 116 -8.41 11.40 19.95
C VAL B 116 -7.52 11.08 21.14
N PHE B 117 -6.26 10.75 20.87
CA PHE B 117 -5.30 10.39 21.91
C PHE B 117 -3.94 11.01 21.61
N ILE B 118 -3.21 11.39 22.66
CA ILE B 118 -1.90 11.98 22.49
C ILE B 118 -0.86 11.22 23.31
N PHE B 119 0.29 11.00 22.71
CA PHE B 119 1.35 10.24 23.35
C PHE B 119 2.61 11.08 23.45
N PRO B 120 3.14 11.26 24.66
CA PRO B 120 4.45 11.92 24.76
C PRO B 120 5.56 10.97 24.29
N PRO B 121 6.77 11.50 24.03
CA PRO B 121 7.97 10.68 23.79
C PRO B 121 8.26 9.82 25.00
N SER B 122 8.74 8.59 24.79
CA SER B 122 9.12 7.71 25.89
C SER B 122 10.46 8.18 26.42
N ASP B 123 10.75 7.86 27.68
CA ASP B 123 12.05 8.22 28.23
C ASP B 123 13.17 7.50 27.51
N GLU B 124 12.86 6.34 26.94
CA GLU B 124 13.83 5.55 26.21
C GLU B 124 14.24 6.27 24.93
N GLN B 125 13.26 6.80 24.21
CA GLN B 125 13.58 7.58 23.02
C GLN B 125 14.39 8.81 23.38
N LEU B 126 14.01 9.46 24.48
CA LEU B 126 14.66 10.69 24.90
C LEU B 126 16.15 10.51 25.21
N LYS B 127 16.51 9.32 25.69
CA LYS B 127 17.90 9.03 26.02
C LYS B 127 18.84 9.20 24.83
N SER B 128 18.28 9.21 23.62
CA SER B 128 19.06 9.47 22.41
C SER B 128 18.51 10.59 21.53
N GLY B 129 18.59 11.82 22.02
CA GLY B 129 18.50 13.01 21.18
C GLY B 129 17.29 13.32 20.31
N THR B 130 16.34 12.39 20.21
CA THR B 130 15.15 12.63 19.40
C THR B 130 13.87 12.44 20.19
N ALA B 131 12.86 13.22 19.85
CA ALA B 131 11.57 13.10 20.51
C ALA B 131 10.48 13.04 19.45
N SER B 132 9.63 12.03 19.55
CA SER B 132 8.47 11.94 18.67
C SER B 132 7.22 12.08 19.52
N VAL B 133 6.32 12.96 19.10
CA VAL B 133 5.03 13.09 19.78
C VAL B 133 3.97 12.60 18.83
N VAL B 134 3.07 11.75 19.31
CA VAL B 134 2.10 11.12 18.43
C VAL B 134 0.67 11.47 18.83
N CYS B 135 -0.13 11.83 17.83
CA CYS B 135 -1.55 12.07 18.00
C CYS B 135 -2.27 10.98 17.22
N LEU B 136 -3.27 10.34 17.84
CA LEU B 136 -4.02 9.26 17.20
C LEU B 136 -5.48 9.68 17.03
N LEU B 137 -6.03 9.48 15.83
CA LEU B 137 -7.46 9.66 15.61
C LEU B 137 -8.02 8.28 15.30
N ASN B 138 -8.99 7.83 16.07
CA ASN B 138 -9.51 6.47 15.93
C ASN B 138 -10.90 6.45 15.32
N ASN B 139 -11.10 5.60 14.31
CA ASN B 139 -12.44 5.13 13.93
C ASN B 139 -13.35 6.28 13.49
N PHE B 140 -12.95 6.95 12.42
CA PHE B 140 -13.71 8.10 11.96
C PHE B 140 -14.09 8.04 10.47
N TYR B 141 -15.10 8.84 10.13
CA TYR B 141 -15.55 9.01 8.75
C TYR B 141 -16.28 10.36 8.62
N PRO B 142 -16.03 11.10 7.52
CA PRO B 142 -15.18 10.80 6.36
C PRO B 142 -13.70 10.97 6.64
N ARG B 143 -12.89 10.63 5.64
CA ARG B 143 -11.44 10.67 5.71
C ARG B 143 -10.87 12.06 6.07
N GLU B 144 -11.49 13.10 5.53
CA GLU B 144 -10.94 14.46 5.68
C GLU B 144 -10.91 14.89 7.14
N ALA B 145 -9.73 15.24 7.65
CA ALA B 145 -9.60 15.73 9.00
C ALA B 145 -8.43 16.69 9.08
N LYS B 146 -8.53 17.70 9.94
CA LYS B 146 -7.40 18.61 10.13
C LYS B 146 -6.75 18.37 11.48
N VAL B 147 -5.46 18.06 11.47
CA VAL B 147 -4.75 17.75 12.70
C VAL B 147 -3.57 18.68 12.85
N GLN B 148 -3.68 19.61 13.78
CA GLN B 148 -2.71 20.66 13.97
C GLN B 148 -1.99 20.54 15.30
N TRP B 149 -0.67 20.69 15.26
CA TRP B 149 0.17 20.65 16.44
C TRP B 149 0.37 22.04 17.02
N LYS B 150 0.29 22.13 18.34
CA LYS B 150 0.60 23.37 19.06
C LYS B 150 1.58 23.08 20.20
N VAL B 151 2.65 23.86 20.25
CA VAL B 151 3.66 23.71 21.29
C VAL B 151 3.72 25.00 22.10
N ASP B 152 3.33 24.94 23.37
CA ASP B 152 3.13 26.15 24.16
C ASP B 152 2.26 27.13 23.39
N ASN B 153 1.15 26.61 22.86
CA ASN B 153 0.14 27.39 22.15
C ASN B 153 0.58 27.97 20.79
N ALA B 154 1.76 27.61 20.32
CA ALA B 154 2.22 28.06 19.02
C ALA B 154 1.98 26.98 17.97
N LEU B 155 1.20 27.33 16.95
CA LEU B 155 0.84 26.41 15.89
C LEU B 155 2.05 26.04 15.03
N GLN B 156 2.27 24.73 14.85
CA GLN B 156 3.45 24.22 14.16
C GLN B 156 3.25 24.07 12.65
N SER B 157 4.33 24.19 11.90
CA SER B 157 4.26 23.97 10.47
C SER B 157 5.48 23.19 9.96
N GLY B 158 5.23 22.17 9.14
CA GLY B 158 6.29 21.49 8.41
C GLY B 158 7.07 20.45 9.18
N ASN B 159 6.75 20.27 10.46
CA ASN B 159 7.49 19.32 11.28
C ASN B 159 6.66 18.10 11.74
N SER B 160 5.58 17.81 11.04
CA SER B 160 4.81 16.60 11.34
C SER B 160 4.51 15.80 10.09
N GLN B 161 4.35 14.48 10.25
CA GLN B 161 3.90 13.64 9.14
C GLN B 161 2.69 12.83 9.58
N GLU B 162 1.77 12.59 8.65
CA GLU B 162 0.57 11.81 8.91
C GLU B 162 0.58 10.47 8.18
N SER B 163 -0.12 9.51 8.75
CA SER B 163 -0.35 8.24 8.10
C SER B 163 -1.79 7.83 8.36
N VAL B 164 -2.45 7.26 7.36
CA VAL B 164 -3.87 6.92 7.47
C VAL B 164 -4.05 5.46 7.10
N THR B 165 -4.91 4.76 7.82
CA THR B 165 -5.18 3.36 7.49
C THR B 165 -6.10 3.26 6.28
N GLU B 166 -6.17 2.06 5.70
CA GLU B 166 -7.22 1.77 4.72
C GLU B 166 -8.55 1.77 5.46
N GLN B 167 -9.64 1.94 4.74
CA GLN B 167 -10.97 1.81 5.34
C GLN B 167 -11.15 0.45 6.00
N ASP B 168 -11.66 0.46 7.22
CA ASP B 168 -11.92 -0.76 7.98
C ASP B 168 -12.92 -1.61 7.19
N SER B 169 -12.63 -2.91 7.10
CA SER B 169 -13.50 -3.85 6.40
C SER B 169 -14.80 -4.07 7.18
N LYS B 170 -14.77 -3.79 8.47
CA LYS B 170 -15.96 -4.00 9.28
C LYS B 170 -16.86 -2.75 9.31
N ASP B 171 -16.30 -1.60 9.64
CA ASP B 171 -17.16 -0.45 9.87
C ASP B 171 -16.91 0.72 8.93
N SER B 172 -16.07 0.50 7.91
CA SER B 172 -15.82 1.49 6.87
C SER B 172 -15.21 2.81 7.39
N THR B 173 -14.63 2.76 8.60
CA THR B 173 -13.95 3.95 9.13
C THR B 173 -12.45 3.98 8.87
N TYR B 174 -11.89 5.17 9.10
CA TYR B 174 -10.46 5.38 9.04
C TYR B 174 -9.87 5.62 10.43
N SER B 175 -8.57 5.35 10.55
CA SER B 175 -7.78 5.85 11.67
C SER B 175 -6.55 6.58 11.14
N LEU B 176 -6.05 7.54 11.93
CA LEU B 176 -4.96 8.39 11.47
C LEU B 176 -3.97 8.64 12.60
N SER B 177 -2.69 8.67 12.26
CA SER B 177 -1.68 9.15 13.19
C SER B 177 -1.01 10.41 12.65
N SER B 178 -0.76 11.38 13.52
CA SER B 178 0.10 12.51 13.18
C SER B 178 1.29 12.49 14.13
N THR B 179 2.48 12.58 13.58
CA THR B 179 3.69 12.48 14.38
C THR B 179 4.59 13.74 14.28
N LEU B 180 4.71 14.46 15.39
CA LEU B 180 5.56 15.64 15.52
C LEU B 180 6.96 15.22 15.92
N THR B 181 7.95 15.60 15.12
CA THR B 181 9.33 15.24 15.43
C THR B 181 10.15 16.48 15.82
N LEU B 182 10.74 16.45 17.01
CA LEU B 182 11.61 17.52 17.50
C LEU B 182 12.91 16.91 18.00
N SER B 183 13.94 17.74 18.12
CA SER B 183 15.15 17.29 18.78
C SER B 183 14.85 17.19 20.28
N LYS B 184 15.56 16.33 20.99
CA LYS B 184 15.37 16.21 22.44
C LYS B 184 15.66 17.55 23.13
N ALA B 185 16.60 18.29 22.55
CA ALA B 185 16.96 19.63 23.03
C ALA B 185 15.77 20.61 23.12
N ASP B 186 15.07 20.85 22.01
CA ASP B 186 13.91 21.74 22.07
C ASP B 186 12.66 21.08 22.65
N TYR B 187 12.60 19.75 22.65
CA TYR B 187 11.50 19.09 23.35
C TYR B 187 11.49 19.49 24.83
N GLU B 188 12.65 19.46 25.47
CA GLU B 188 12.75 19.76 26.89
C GLU B 188 12.55 21.24 27.22
N LYS B 189 12.65 22.07 26.18
CA LYS B 189 12.51 23.51 26.34
C LYS B 189 11.07 23.93 26.52
N HIS B 190 10.13 23.10 26.06
CA HIS B 190 8.73 23.49 26.07
C HIS B 190 7.89 22.67 27.01
N LYS B 191 6.72 23.20 27.34
CA LYS B 191 5.87 22.62 28.36
C LYS B 191 4.64 21.94 27.79
N VAL B 192 3.81 22.72 27.09
CA VAL B 192 2.51 22.22 26.66
C VAL B 192 2.51 21.72 25.19
N TYR B 193 2.23 20.44 25.05
CA TYR B 193 2.14 19.79 23.74
C TYR B 193 0.71 19.40 23.47
N ALA B 194 0.18 19.84 22.35
CA ALA B 194 -1.22 19.61 22.05
C ALA B 194 -1.45 19.23 20.59
N CYS B 195 -2.40 18.33 20.35
CA CYS B 195 -2.90 18.16 18.99
C CYS B 195 -4.37 18.58 18.91
N GLU B 196 -4.65 19.44 17.94
CA GLU B 196 -6.00 19.95 17.72
C GLU B 196 -6.62 19.32 16.48
N VAL B 197 -7.81 18.78 16.67
CA VAL B 197 -8.47 18.00 15.65
C VAL B 197 -9.77 18.64 15.22
N THR B 198 -9.88 18.89 13.93
CA THR B 198 -11.08 19.43 13.32
C THR B 198 -11.66 18.38 12.38
N HIS B 199 -12.96 18.11 12.51
CA HIS B 199 -13.59 17.07 11.68
C HIS B 199 -15.09 17.34 11.54
N GLN B 200 -15.68 16.82 10.46
CA GLN B 200 -17.10 17.04 10.20
C GLN B 200 -18.00 16.49 11.32
N GLY B 201 -17.53 15.48 12.03
CA GLY B 201 -18.30 14.86 13.09
C GLY B 201 -18.19 15.55 14.44
N LEU B 202 -17.33 16.57 14.53
CA LEU B 202 -17.13 17.33 15.76
C LEU B 202 -17.76 18.72 15.61
N SER B 203 -18.55 19.14 16.60
CA SER B 203 -19.20 20.45 16.52
C SER B 203 -18.18 21.57 16.64
N SER B 204 -17.12 21.32 17.39
CA SER B 204 -16.01 22.25 17.48
C SER B 204 -14.72 21.44 17.63
N PRO B 205 -13.56 22.05 17.38
CA PRO B 205 -12.35 21.24 17.42
C PRO B 205 -12.04 20.68 18.80
N VAL B 206 -11.42 19.50 18.80
CA VAL B 206 -11.07 18.80 20.02
C VAL B 206 -9.57 18.82 20.24
N THR B 207 -9.15 19.19 21.45
CA THR B 207 -7.73 19.22 21.76
C THR B 207 -7.35 18.23 22.84
N LYS B 208 -6.29 17.48 22.59
CA LYS B 208 -5.69 16.62 23.61
C LYS B 208 -4.29 17.13 23.86
N SER B 209 -3.87 17.14 25.11
CA SER B 209 -2.59 17.70 25.45
C SER B 209 -1.96 17.07 26.68
N PHE B 210 -0.65 17.24 26.81
CA PHE B 210 0.04 16.89 28.04
C PHE B 210 1.05 17.97 28.38
N ASN B 211 1.42 18.03 29.66
CA ASN B 211 2.47 18.92 30.11
C ASN B 211 3.75 18.10 30.29
N ARG B 212 4.82 18.53 29.65
CA ARG B 212 6.08 17.77 29.67
C ARG B 212 6.56 17.56 31.11
N GLY B 213 6.97 16.33 31.41
CA GLY B 213 7.46 15.99 32.73
C GLY B 213 6.43 15.96 33.84
N GLU B 214 5.17 16.21 33.50
CA GLU B 214 4.13 16.23 34.52
C GLU B 214 3.24 14.99 34.50
N CYS B 215 2.23 14.96 35.36
CA CYS B 215 1.34 13.82 35.48
C CYS B 215 0.00 14.23 36.08
#